data_9GC9
#
_entry.id   9GC9
#
_cell.length_a   73.935
_cell.length_b   73.935
_cell.length_c   48.909
_cell.angle_alpha   90.000
_cell.angle_beta   90.000
_cell.angle_gamma   90.000
#
_symmetry.space_group_name_H-M   'P 43'
#
loop_
_entity.id
_entity.type
_entity.pdbx_description
1 polymer Chymase
2 branched 2-acetamido-2-deoxy-beta-D-glucopyranose-(1-4)-2-acetamido-2-deoxy-beta-D-glucopyranose
3 non-polymer 2-acetamido-2-deoxy-beta-D-glucopyranose
4 non-polymer '3-[[2-methyl-3-(trifluoromethyl)phenyl]methyl]-2,4-bis(oxidanylidene)-1-[4-(2-oxidanylideneimidazolidin-1-yl)phenyl]pyrimidine-5-carboxylic acid'
5 non-polymer 'ZINC ION'
6 water water
#
_entity_poly.entity_id   1
_entity_poly.type   'polypeptide(L)'
_entity_poly.pdbx_seq_one_letter_code
;IIGGTECKPHSRPYMAYLEIVTSNGPSKFCGGFLIRRNFVLTAAHCAGRSITVTLGAHNITEEEDTWQKLEVIKQFRHPK
YNTSTLHHDIMLLKLKEKASLTLAVGTLPFPSQRNFVPPGRMCRVAGWGRTGVLKPGSDTLQEVKLRLMDPQACSHFRDF
DHNLQLCVGNPRKTKSAFKGDSGGPLLCAGAAQGIVSYGRSDAKPPAVFTRISHYQPWINQILQAN
;
_entity_poly.pdbx_strand_id   AAA
#
# COMPACT_ATOMS: atom_id res chain seq x y z
N ILE A 1 -9.40 -5.69 -1.17
CA ILE A 1 -8.84 -7.08 -1.08
C ILE A 1 -9.94 -8.04 -1.51
N ILE A 2 -9.64 -8.83 -2.53
CA ILE A 2 -10.56 -9.80 -3.08
C ILE A 2 -10.16 -11.19 -2.58
N GLY A 3 -11.12 -11.95 -2.05
CA GLY A 3 -10.89 -13.35 -1.73
C GLY A 3 -10.09 -13.52 -0.44
N GLY A 4 -10.13 -12.50 0.43
CA GLY A 4 -9.36 -12.50 1.66
C GLY A 4 -10.21 -12.71 2.91
N THR A 5 -9.62 -12.38 4.07
CA THR A 5 -10.32 -12.54 5.34
C THR A 5 -10.13 -11.29 6.19
N GLU A 6 -11.17 -10.90 6.91
CA GLU A 6 -11.07 -9.77 7.82
C GLU A 6 -9.99 -10.10 8.86
N CYS A 7 -8.98 -9.22 8.94
CA CYS A 7 -7.92 -9.31 9.92
C CYS A 7 -8.45 -9.25 11.34
N LYS A 8 -7.74 -9.92 12.27
CA LYS A 8 -7.94 -9.64 13.68
C LYS A 8 -7.67 -8.16 13.92
N PRO A 9 -8.59 -7.40 14.55
CA PRO A 9 -8.39 -5.96 14.75
C PRO A 9 -7.03 -5.59 15.36
N HIS A 10 -6.31 -4.67 14.69
CA HIS A 10 -5.03 -4.12 15.13
C HIS A 10 -3.89 -5.14 15.10
N SER A 11 -4.04 -6.22 14.32
CA SER A 11 -3.03 -7.26 14.23
C SER A 11 -1.94 -6.83 13.26
N ARG A 12 -2.18 -5.73 12.54
CA ARG A 12 -1.22 -5.20 11.59
C ARG A 12 -1.04 -3.71 11.89
N PRO A 13 -0.38 -3.39 13.02
CA PRO A 13 -0.40 -2.04 13.58
C PRO A 13 0.41 -0.99 12.82
N TYR A 14 1.08 -1.43 11.76
CA TYR A 14 1.86 -0.55 10.91
C TYR A 14 1.00 -0.05 9.75
N MET A 15 -0.15 -0.67 9.52
CA MET A 15 -1.01 -0.33 8.39
C MET A 15 -1.52 1.10 8.52
N ALA A 16 -1.44 1.85 7.41
CA ALA A 16 -1.95 3.21 7.35
C ALA A 16 -3.07 3.30 6.31
N TYR A 17 -4.08 4.11 6.63
CA TYR A 17 -5.18 4.44 5.75
C TYR A 17 -5.03 5.89 5.33
N LEU A 18 -4.91 6.09 4.02
CA LEU A 18 -4.65 7.41 3.46
C LEU A 18 -5.92 7.96 2.84
N GLU A 19 -6.29 9.18 3.24
CA GLU A 19 -7.42 9.88 2.57
C GLU A 19 -6.75 10.97 1.72
N ILE A 20 -6.72 10.81 0.41
CA ILE A 20 -5.99 11.79 -0.46
C ILE A 20 -6.95 12.85 -0.98
N VAL A 21 -6.54 14.12 -0.92
CA VAL A 21 -7.43 15.23 -1.36
C VAL A 21 -6.90 15.83 -2.67
N THR A 22 -7.80 16.07 -3.62
CA THR A 22 -7.42 16.75 -4.89
C THR A 22 -8.25 18.04 -4.98
N SER A 23 -7.84 18.98 -5.82
CA SER A 23 -8.55 20.26 -5.88
C SER A 23 -9.78 20.18 -6.79
N ASN A 24 -9.86 19.17 -7.67
CA ASN A 24 -10.90 19.10 -8.70
C ASN A 24 -11.77 17.83 -8.58
N GLY A 25 -11.46 16.90 -7.67
CA GLY A 25 -12.25 15.68 -7.51
C GLY A 25 -12.45 15.33 -6.04
N PRO A 26 -13.37 14.40 -5.69
CA PRO A 26 -13.60 13.99 -4.30
C PRO A 26 -12.41 13.22 -3.74
N SER A 27 -12.48 12.91 -2.43
CA SER A 27 -11.45 12.13 -1.77
C SER A 27 -11.20 10.83 -2.50
N LYS A 28 -9.90 10.45 -2.56
CA LYS A 28 -9.42 9.12 -2.94
C LYS A 28 -8.78 8.48 -1.72
N PHE A 29 -8.61 7.16 -1.80
CA PHE A 29 -8.14 6.37 -0.66
C PHE A 29 -7.06 5.41 -1.14
N CYS A 30 -6.03 5.24 -0.31
CA CYS A 30 -4.96 4.27 -0.49
C CYS A 30 -4.57 3.66 0.86
N GLY A 31 -3.80 2.59 0.79
CA GLY A 31 -3.04 2.10 1.92
C GLY A 31 -1.62 2.66 1.91
N GLY A 32 -0.89 2.24 2.93
CA GLY A 32 0.48 2.60 3.20
C GLY A 32 0.91 1.93 4.50
N PHE A 33 2.16 2.17 4.95
CA PHE A 33 2.61 1.59 6.20
C PHE A 33 3.66 2.46 6.89
N LEU A 34 3.63 2.44 8.23
CA LEU A 34 4.51 3.25 9.04
C LEU A 34 5.88 2.56 9.14
N ILE A 35 6.93 3.23 8.62
CA ILE A 35 8.27 2.68 8.68
C ILE A 35 9.09 3.40 9.75
N ARG A 36 8.78 4.68 9.99
CA ARG A 36 9.31 5.44 11.11
C ARG A 36 8.12 6.12 11.81
N ARG A 37 8.30 6.60 13.04
CA ARG A 37 7.21 7.26 13.75
C ARG A 37 6.62 8.43 12.97
N ASN A 38 7.45 9.13 12.18
CA ASN A 38 6.97 10.25 11.39
C ASN A 38 7.08 9.99 9.88
N PHE A 39 7.10 8.72 9.42
CA PHE A 39 7.17 8.44 7.99
C PHE A 39 6.35 7.21 7.61
N VAL A 40 5.52 7.40 6.57
CA VAL A 40 4.69 6.37 5.97
C VAL A 40 5.17 6.13 4.54
N LEU A 41 5.30 4.85 4.15
CA LEU A 41 5.64 4.45 2.78
C LEU A 41 4.36 4.09 2.04
N THR A 42 4.22 4.57 0.80
CA THR A 42 3.05 4.28 -0.01
C THR A 42 3.46 4.28 -1.48
N ALA A 43 2.45 4.23 -2.36
CA ALA A 43 2.64 4.35 -3.79
C ALA A 43 2.59 5.83 -4.19
N ALA A 44 3.42 6.22 -5.17
CA ALA A 44 3.46 7.58 -5.70
C ALA A 44 2.16 7.97 -6.41
N HIS A 45 1.45 7.02 -7.04
CA HIS A 45 0.17 7.33 -7.66
C HIS A 45 -0.87 7.71 -6.62
N CYS A 46 -0.55 7.57 -5.32
CA CYS A 46 -1.43 8.02 -4.25
C CYS A 46 -1.17 9.48 -3.82
N ALA A 47 -0.28 10.19 -4.52
CA ALA A 47 0.01 11.59 -4.25
C ALA A 47 -1.21 12.47 -4.52
N GLY A 48 -1.29 13.59 -3.81
CA GLY A 48 -2.39 14.55 -4.02
C GLY A 48 -2.04 15.92 -3.48
N ARG A 49 -3.02 16.84 -3.45
CA ARG A 49 -2.79 18.19 -2.87
C ARG A 49 -2.44 18.03 -1.39
N SER A 50 -3.15 17.17 -0.66
CA SER A 50 -2.88 16.94 0.79
C SER A 50 -3.32 15.52 1.20
N ILE A 51 -2.70 14.93 2.22
CA ILE A 51 -3.04 13.58 2.62
C ILE A 51 -3.24 13.58 4.13
N THR A 52 -4.28 12.89 4.59
CA THR A 52 -4.40 12.54 6.00
C THR A 52 -4.15 11.06 6.16
N VAL A 53 -3.33 10.72 7.16
CA VAL A 53 -3.05 9.34 7.49
C VAL A 53 -3.82 8.98 8.75
N THR A 54 -4.59 7.88 8.70
CA THR A 54 -5.22 7.33 9.90
C THR A 54 -4.45 6.07 10.26
N LEU A 55 -3.79 6.11 11.43
CA LEU A 55 -3.17 4.94 12.02
C LEU A 55 -4.10 4.36 13.08
N GLY A 56 -4.02 3.04 13.28
CA GLY A 56 -4.66 2.38 14.40
C GLY A 56 -6.08 1.96 14.08
N ALA A 57 -6.40 1.94 12.79
CA ALA A 57 -7.75 1.61 12.32
C ALA A 57 -7.90 0.12 12.04
N HIS A 58 -9.12 -0.37 12.29
CA HIS A 58 -9.65 -1.61 11.73
C HIS A 58 -10.94 -1.33 10.94
N ASN A 59 -12.06 -1.13 11.64
CA ASN A 59 -13.27 -0.59 11.05
C ASN A 59 -13.07 0.91 10.87
N ILE A 60 -12.82 1.34 9.62
CA ILE A 60 -12.45 2.71 9.33
C ILE A 60 -13.67 3.63 9.42
N THR A 61 -14.89 3.09 9.62
CA THR A 61 -16.07 3.93 9.76
C THR A 61 -16.45 4.20 11.22
N GLU A 62 -15.81 3.52 12.20
CA GLU A 62 -16.14 3.61 13.63
C GLU A 62 -14.90 4.15 14.33
N GLU A 63 -14.91 5.46 14.66
CA GLU A 63 -13.82 6.09 15.38
C GLU A 63 -13.63 5.43 16.74
N GLU A 64 -12.34 5.27 17.13
CA GLU A 64 -11.95 4.58 18.35
C GLU A 64 -10.67 5.21 18.90
N ASP A 65 -10.36 4.89 20.16
CA ASP A 65 -9.23 5.51 20.84
C ASP A 65 -7.91 5.10 20.21
N THR A 66 -7.85 3.96 19.53
CA THR A 66 -6.64 3.51 18.86
C THR A 66 -6.27 4.47 17.73
N TRP A 67 -7.24 5.23 17.22
CA TRP A 67 -7.00 6.05 16.04
C TRP A 67 -5.99 7.16 16.33
N GLN A 68 -5.16 7.41 15.32
CA GLN A 68 -4.33 8.58 15.26
C GLN A 68 -4.46 9.14 13.86
N LYS A 69 -5.22 10.23 13.73
CA LYS A 69 -5.35 10.92 12.45
C LYS A 69 -4.23 11.94 12.33
N LEU A 70 -3.27 11.68 11.45
CA LEU A 70 -2.06 12.48 11.44
C LEU A 70 -1.96 13.22 10.11
N GLU A 71 -1.67 14.49 10.26
CA GLU A 71 -1.40 15.41 9.18
C GLU A 71 -0.09 14.99 8.52
N VAL A 72 -0.05 15.17 7.18
CA VAL A 72 1.15 14.98 6.39
C VAL A 72 1.68 16.35 5.98
N ILE A 73 2.96 16.61 6.27
CA ILE A 73 3.49 17.92 5.98
C ILE A 73 4.16 17.96 4.61
N LYS A 74 4.68 16.83 4.13
CA LYS A 74 5.32 16.80 2.82
C LYS A 74 5.24 15.40 2.21
N GLN A 75 5.13 15.37 0.88
CA GLN A 75 5.04 14.16 0.08
C GLN A 75 6.33 14.01 -0.71
N PHE A 76 7.00 12.86 -0.56
CA PHE A 76 8.24 12.59 -1.27
C PHE A 76 8.00 11.51 -2.32
N ARG A 77 7.54 11.96 -3.48
CA ARG A 77 7.42 11.10 -4.63
C ARG A 77 8.81 10.83 -5.18
N HIS A 78 9.05 9.58 -5.60
CA HIS A 78 10.29 9.21 -6.24
C HIS A 78 10.57 10.22 -7.35
N PRO A 79 11.79 10.79 -7.42
CA PRO A 79 12.08 11.78 -8.45
C PRO A 79 11.97 11.26 -9.89
N LYS A 80 11.89 9.94 -10.08
CA LYS A 80 11.82 9.34 -11.41
C LYS A 80 10.44 8.72 -11.67
N TYR A 81 9.50 8.86 -10.74
CA TYR A 81 8.16 8.30 -10.90
C TYR A 81 7.56 8.76 -12.23
N ASN A 82 7.00 7.82 -12.99
CA ASN A 82 6.49 8.11 -14.32
C ASN A 82 5.02 7.68 -14.33
N THR A 83 4.15 8.65 -14.71
CA THR A 83 2.71 8.46 -14.61
C THR A 83 2.19 7.51 -15.70
N SER A 84 2.91 7.40 -16.81
CA SER A 84 2.49 6.55 -17.92
C SER A 84 2.85 5.10 -17.64
N THR A 85 4.12 4.85 -17.27
CA THR A 85 4.66 3.50 -17.06
C THR A 85 4.42 2.99 -15.63
N LEU A 86 4.24 3.90 -14.67
CA LEU A 86 4.18 3.62 -13.23
C LEU A 86 5.47 2.99 -12.70
N HIS A 87 6.57 3.18 -13.41
CA HIS A 87 7.89 2.91 -12.84
C HIS A 87 8.13 3.82 -11.64
N HIS A 88 8.75 3.25 -10.60
CA HIS A 88 9.20 4.02 -9.45
C HIS A 88 7.97 4.54 -8.74
N ASP A 89 6.95 3.67 -8.63
CA ASP A 89 5.72 3.99 -7.97
C ASP A 89 5.91 3.83 -6.46
N ILE A 90 6.61 4.81 -5.87
CA ILE A 90 6.89 4.76 -4.45
C ILE A 90 6.97 6.17 -3.89
N MET A 91 6.48 6.36 -2.67
CA MET A 91 6.42 7.70 -2.11
C MET A 91 6.55 7.64 -0.60
N LEU A 92 7.30 8.59 -0.04
CA LEU A 92 7.36 8.75 1.41
C LEU A 92 6.54 9.96 1.85
N LEU A 93 5.80 9.74 2.93
CA LEU A 93 4.99 10.77 3.55
C LEU A 93 5.60 11.08 4.90
N LYS A 94 5.95 12.36 5.09
CA LYS A 94 6.43 12.83 6.38
C LYS A 94 5.24 13.34 7.20
N LEU A 95 5.07 12.73 8.36
CA LEU A 95 4.02 13.11 9.32
C LEU A 95 4.45 14.35 10.10
N LYS A 96 3.46 15.15 10.49
CA LYS A 96 3.66 16.42 11.19
C LYS A 96 4.31 16.17 12.56
N GLU A 97 3.77 15.18 13.25
CA GLU A 97 4.23 14.73 14.55
C GLU A 97 4.67 13.28 14.41
N LYS A 98 5.53 12.84 15.33
CA LYS A 98 5.81 11.43 15.49
C LYS A 98 4.58 10.79 16.09
N ALA A 99 4.16 9.66 15.50
CA ALA A 99 3.04 8.88 15.99
C ALA A 99 3.36 8.34 17.38
N SER A 100 2.32 8.12 18.20
CA SER A 100 2.51 7.40 19.45
C SER A 100 2.64 5.93 19.10
N LEU A 101 3.52 5.22 19.82
CA LEU A 101 3.60 3.76 19.81
C LEU A 101 2.58 3.20 20.79
N THR A 102 1.68 2.35 20.27
CA THR A 102 0.62 1.72 21.04
C THR A 102 0.54 0.24 20.66
N LEU A 103 -0.33 -0.51 21.32
CA LEU A 103 -0.55 -1.88 20.88
C LEU A 103 -1.12 -1.89 19.46
N ALA A 104 -1.83 -0.83 19.05
CA ALA A 104 -2.51 -0.76 17.76
C ALA A 104 -1.72 -0.02 16.68
N VAL A 105 -0.61 0.64 17.07
CA VAL A 105 0.18 1.46 16.16
C VAL A 105 1.65 1.21 16.44
N GLY A 106 2.37 0.71 15.43
CA GLY A 106 3.80 0.53 15.52
C GLY A 106 4.43 0.57 14.13
N THR A 107 5.77 0.53 14.08
CA THR A 107 6.46 0.58 12.80
C THR A 107 6.79 -0.83 12.32
N LEU A 108 7.11 -0.93 11.02
CA LEU A 108 7.57 -2.16 10.43
C LEU A 108 9.02 -1.96 9.97
N GLY A 120 8.55 -18.26 -5.84
CA GLY A 120 7.43 -19.15 -5.47
C GLY A 120 7.01 -19.08 -3.99
N ARG A 121 7.43 -18.05 -3.26
CA ARG A 121 7.08 -17.93 -1.85
C ARG A 121 5.72 -17.25 -1.72
N MET A 122 5.02 -17.49 -0.60
CA MET A 122 3.71 -16.87 -0.39
C MET A 122 3.89 -15.65 0.51
N CYS A 123 3.11 -14.61 0.22
CA CYS A 123 3.24 -13.32 0.86
C CYS A 123 1.84 -12.85 1.24
N ARG A 124 1.72 -11.85 2.12
CA ARG A 124 0.41 -11.38 2.55
C ARG A 124 0.31 -9.90 2.23
N VAL A 125 -0.89 -9.48 1.77
CA VAL A 125 -1.17 -8.06 1.59
C VAL A 125 -2.49 -7.75 2.27
N ALA A 126 -2.53 -6.58 2.92
CA ALA A 126 -3.68 -6.11 3.67
C ALA A 126 -4.14 -4.75 3.14
N GLY A 127 -5.45 -4.49 3.25
CA GLY A 127 -5.97 -3.21 2.87
C GLY A 127 -7.49 -3.07 3.07
N TRP A 128 -7.95 -1.84 2.83
CA TRP A 128 -9.35 -1.48 2.95
C TRP A 128 -10.02 -1.34 1.60
N GLY A 129 -9.41 -1.88 0.54
CA GLY A 129 -9.96 -1.70 -0.79
C GLY A 129 -11.18 -2.59 -1.03
N ARG A 130 -11.74 -2.45 -2.25
CA ARG A 130 -12.95 -3.21 -2.62
C ARG A 130 -12.72 -4.72 -2.51
N THR A 131 -13.78 -5.46 -2.19
CA THR A 131 -13.69 -6.93 -2.05
C THR A 131 -14.10 -7.59 -3.37
N GLY A 132 -14.43 -6.78 -4.38
CA GLY A 132 -14.83 -7.30 -5.69
C GLY A 132 -14.85 -6.22 -6.75
N VAL A 133 -14.84 -6.60 -8.02
CA VAL A 133 -14.79 -5.60 -9.13
C VAL A 133 -15.92 -4.59 -8.93
N LEU A 134 -17.14 -5.06 -8.68
CA LEU A 134 -18.29 -4.13 -8.54
C LEU A 134 -18.70 -4.05 -7.07
N LYS A 135 -17.80 -4.42 -6.16
CA LYS A 135 -18.09 -4.34 -4.70
C LYS A 135 -17.49 -3.04 -4.15
N PRO A 136 -18.08 -2.43 -3.11
CA PRO A 136 -17.55 -1.20 -2.54
C PRO A 136 -16.30 -1.47 -1.69
N GLY A 137 -15.59 -0.41 -1.30
CA GLY A 137 -14.42 -0.56 -0.41
C GLY A 137 -14.82 -1.23 0.89
N SER A 138 -13.86 -1.83 1.60
CA SER A 138 -14.18 -2.54 2.82
C SER A 138 -14.24 -1.57 3.99
N ASP A 139 -15.21 -1.80 4.90
CA ASP A 139 -15.24 -1.15 6.20
C ASP A 139 -14.00 -1.59 7.02
N THR A 140 -13.67 -2.88 6.96
CA THR A 140 -12.67 -3.48 7.84
C THR A 140 -11.43 -3.89 7.04
N LEU A 141 -10.28 -3.85 7.73
CA LEU A 141 -9.02 -4.24 7.13
C LEU A 141 -9.04 -5.75 6.85
N GLN A 142 -8.66 -6.09 5.61
CA GLN A 142 -8.74 -7.44 5.07
C GLN A 142 -7.34 -7.87 4.63
N GLU A 143 -7.03 -9.17 4.70
CA GLU A 143 -5.72 -9.68 4.29
C GLU A 143 -5.90 -10.92 3.42
N VAL A 144 -4.99 -11.08 2.45
CA VAL A 144 -5.03 -12.18 1.52
C VAL A 144 -3.60 -12.69 1.32
N LYS A 145 -3.43 -14.03 1.23
CA LYS A 145 -2.15 -14.67 0.92
C LYS A 145 -2.03 -14.83 -0.60
N LEU A 146 -0.94 -14.33 -1.19
CA LEU A 146 -0.70 -14.36 -2.63
C LEU A 146 0.66 -15.00 -2.94
N ARG A 147 0.78 -15.58 -4.14
CA ARG A 147 2.00 -16.22 -4.57
C ARG A 147 2.86 -15.21 -5.32
N LEU A 148 4.16 -15.18 -4.98
CA LEU A 148 5.17 -14.49 -5.76
C LEU A 148 5.46 -15.31 -7.02
N MET A 149 5.39 -14.63 -8.19
CA MET A 149 5.43 -15.30 -9.47
C MET A 149 6.72 -14.99 -10.20
N ASP A 150 7.09 -15.87 -11.11
CA ASP A 150 8.17 -15.54 -12.04
C ASP A 150 7.73 -14.34 -12.87
N PRO A 151 8.69 -13.46 -13.26
CA PRO A 151 8.36 -12.27 -14.04
C PRO A 151 7.54 -12.49 -15.33
N GLN A 152 7.71 -13.64 -15.97
CA GLN A 152 7.04 -13.91 -17.23
C GLN A 152 5.51 -13.97 -17.07
N ALA A 153 5.04 -14.21 -15.83
CA ALA A 153 3.61 -14.24 -15.54
C ALA A 153 2.99 -12.84 -15.64
N CYS A 154 3.82 -11.79 -15.57
CA CYS A 154 3.35 -10.40 -15.70
C CYS A 154 3.75 -9.77 -17.04
N SER A 155 4.17 -10.59 -18.01
CA SER A 155 4.65 -10.10 -19.30
C SER A 155 3.60 -9.23 -20.00
N HIS A 156 2.31 -9.59 -19.82
CA HIS A 156 1.20 -8.92 -20.47
C HIS A 156 1.07 -7.46 -20.02
N PHE A 157 1.61 -7.13 -18.84
CA PHE A 157 1.85 -5.74 -18.49
C PHE A 157 3.12 -5.32 -19.21
N ARG A 158 2.97 -4.51 -20.27
CA ARG A 158 4.06 -4.30 -21.22
C ARG A 158 5.19 -3.48 -20.59
N ASP A 159 4.92 -2.77 -19.49
CA ASP A 159 5.88 -1.87 -18.85
C ASP A 159 6.34 -2.42 -17.51
N PHE A 160 5.96 -3.66 -17.21
CA PHE A 160 6.50 -4.42 -16.08
C PHE A 160 8.00 -4.64 -16.28
N ASP A 161 8.73 -4.57 -15.16
CA ASP A 161 10.19 -4.77 -15.16
C ASP A 161 10.57 -5.49 -13.87
N HIS A 162 11.14 -6.68 -14.06
CA HIS A 162 11.55 -7.58 -12.99
C HIS A 162 12.46 -6.91 -11.95
N ASN A 163 13.41 -6.08 -12.35
CA ASN A 163 14.31 -5.46 -11.37
C ASN A 163 13.60 -4.40 -10.54
N LEU A 164 12.50 -3.82 -11.06
CA LEU A 164 11.80 -2.71 -10.43
C LEU A 164 10.58 -3.18 -9.65
N GLN A 165 10.06 -4.37 -9.97
CA GLN A 165 8.71 -4.77 -9.62
C GLN A 165 8.62 -6.28 -9.32
N LEU A 166 7.67 -6.62 -8.43
CA LEU A 166 7.30 -8.00 -8.16
C LEU A 166 6.03 -8.33 -8.91
N CYS A 167 5.94 -9.59 -9.37
CA CYS A 167 4.74 -10.14 -9.98
C CYS A 167 4.05 -11.03 -8.96
N VAL A 168 2.78 -10.73 -8.65
CA VAL A 168 2.13 -11.23 -7.44
C VAL A 168 0.70 -11.67 -7.75
N GLY A 169 0.39 -12.92 -7.37
CA GLY A 169 -0.94 -13.47 -7.52
C GLY A 169 -1.01 -14.56 -8.59
N ASN A 170 -1.33 -15.78 -8.14
CA ASN A 170 -1.62 -16.90 -9.00
C ASN A 170 -2.83 -16.56 -9.87
N PRO A 171 -2.70 -16.61 -11.21
CA PRO A 171 -3.83 -16.34 -12.12
C PRO A 171 -4.99 -17.32 -12.05
N ARG A 172 -4.75 -18.50 -11.47
CA ARG A 172 -5.77 -19.52 -11.33
C ARG A 172 -6.66 -19.30 -10.13
N LYS A 173 -6.33 -18.29 -9.31
CA LYS A 173 -7.12 -17.93 -8.14
C LYS A 173 -7.68 -16.52 -8.33
N THR A 174 -8.73 -16.19 -7.57
CA THR A 174 -9.35 -14.86 -7.66
C THR A 174 -8.74 -13.94 -6.59
N LYS A 175 -8.06 -14.53 -5.62
CA LYS A 175 -7.34 -13.78 -4.61
C LYS A 175 -6.49 -12.69 -5.26
N SER A 176 -6.65 -11.45 -4.77
CA SER A 176 -6.00 -10.28 -5.36
C SER A 176 -6.23 -9.06 -4.45
N ALA A 177 -5.24 -8.18 -4.41
CA ALA A 177 -5.48 -6.78 -4.06
C ALA A 177 -6.29 -6.13 -5.17
N PHE A 178 -6.95 -5.02 -4.85
CA PHE A 178 -7.76 -4.31 -5.83
C PHE A 178 -7.86 -2.82 -5.47
N LYS A 179 -8.81 -2.13 -6.11
CA LYS A 179 -8.93 -0.70 -6.00
C LYS A 179 -9.02 -0.34 -4.52
N GLY A 180 -8.16 0.60 -4.11
CA GLY A 180 -8.13 1.10 -2.75
C GLY A 180 -7.07 0.41 -1.90
N ASP A 181 -6.48 -0.68 -2.41
CA ASP A 181 -5.40 -1.35 -1.68
C ASP A 181 -4.04 -0.80 -2.09
N SER A 182 -4.00 -0.01 -3.18
CA SER A 182 -2.84 0.77 -3.60
C SER A 182 -2.05 1.30 -2.42
N GLY A 183 -0.73 1.13 -2.48
CA GLY A 183 0.20 1.74 -1.52
C GLY A 183 0.53 0.84 -0.33
N GLY A 184 -0.31 -0.16 -0.03
CA GLY A 184 -0.09 -1.03 1.12
C GLY A 184 1.10 -1.98 0.91
N PRO A 185 1.67 -2.57 1.98
CA PRO A 185 2.80 -3.48 1.83
C PRO A 185 2.41 -4.92 1.52
N LEU A 186 3.22 -5.53 0.64
CA LEU A 186 3.31 -6.97 0.51
C LEU A 186 4.39 -7.46 1.49
N LEU A 187 3.98 -8.32 2.43
CA LEU A 187 4.89 -8.86 3.41
C LEU A 187 5.19 -10.31 3.07
N CYS A 188 6.48 -10.67 3.08
CA CYS A 188 6.90 -12.03 2.85
C CYS A 188 7.77 -12.45 4.03
N ALA A 189 7.36 -13.51 4.74
CA ALA A 189 8.02 -14.00 5.95
C ALA A 189 8.26 -12.88 6.97
N GLY A 190 7.34 -11.93 7.11
CA GLY A 190 7.45 -10.94 8.18
C GLY A 190 7.99 -9.58 7.72
N ALA A 191 8.59 -9.53 6.53
CA ALA A 191 9.23 -8.33 6.05
C ALA A 191 8.51 -7.78 4.81
N ALA A 192 8.40 -6.46 4.76
CA ALA A 192 7.84 -5.78 3.60
C ALA A 192 8.79 -5.95 2.41
N GLN A 193 8.25 -6.44 1.28
CA GLN A 193 9.03 -6.61 0.07
C GLN A 193 8.45 -5.79 -1.08
N GLY A 194 7.15 -5.49 -1.00
CA GLY A 194 6.47 -4.89 -2.12
C GLY A 194 5.46 -3.83 -1.69
N ILE A 195 5.08 -2.99 -2.66
CA ILE A 195 4.02 -2.01 -2.50
C ILE A 195 3.01 -2.22 -3.63
N VAL A 196 1.73 -2.38 -3.25
CA VAL A 196 0.65 -2.56 -4.21
C VAL A 196 0.69 -1.43 -5.24
N SER A 197 0.79 -1.76 -6.56
CA SER A 197 0.90 -0.71 -7.57
C SER A 197 -0.29 -0.69 -8.52
N TYR A 198 -0.46 -1.76 -9.34
CA TYR A 198 -1.52 -1.78 -10.33
C TYR A 198 -1.84 -3.19 -10.83
N GLY A 199 -2.99 -3.31 -11.51
CA GLY A 199 -3.32 -4.50 -12.26
C GLY A 199 -4.56 -4.30 -13.13
N ARG A 200 -5.16 -5.43 -13.54
CA ARG A 200 -6.28 -5.37 -14.50
C ARG A 200 -7.58 -4.91 -13.86
N SER A 201 -8.38 -4.15 -14.62
CA SER A 201 -9.69 -3.70 -14.19
C SER A 201 -10.62 -4.85 -13.82
N ASP A 202 -10.36 -6.04 -14.38
CA ASP A 202 -11.19 -7.23 -14.10
C ASP A 202 -10.62 -8.00 -12.91
N ALA A 203 -9.60 -7.45 -12.26
CA ALA A 203 -9.01 -8.08 -11.04
C ALA A 203 -8.48 -9.48 -11.35
N LYS A 204 -8.16 -9.76 -12.61
CA LYS A 204 -7.56 -11.08 -12.96
C LYS A 204 -6.08 -11.06 -12.57
N PRO A 205 -5.66 -11.88 -11.58
CA PRO A 205 -4.25 -11.94 -11.18
C PRO A 205 -3.38 -12.45 -12.33
N PRO A 206 -2.09 -12.04 -12.42
CA PRO A 206 -1.42 -11.33 -11.34
C PRO A 206 -1.45 -9.80 -11.38
N ALA A 207 -0.90 -9.15 -10.36
CA ALA A 207 -0.78 -7.70 -10.29
C ALA A 207 0.68 -7.30 -10.08
N VAL A 208 0.95 -6.02 -10.34
CA VAL A 208 2.29 -5.48 -10.27
C VAL A 208 2.46 -4.72 -8.95
N PHE A 209 3.57 -5.00 -8.26
CA PHE A 209 3.94 -4.37 -7.00
C PHE A 209 5.32 -3.76 -7.10
N THR A 210 5.52 -2.58 -6.51
CA THR A 210 6.84 -1.99 -6.44
C THR A 210 7.79 -2.92 -5.65
N ARG A 211 8.99 -3.20 -6.19
CA ARG A 211 10.00 -3.96 -5.49
C ARG A 211 10.81 -3.02 -4.58
N ILE A 212 10.49 -3.09 -3.27
CA ILE A 212 11.04 -2.16 -2.28
C ILE A 212 12.57 -2.20 -2.28
N SER A 213 13.18 -3.40 -2.41
CA SER A 213 14.62 -3.53 -2.23
C SER A 213 15.37 -2.60 -3.18
N HIS A 214 14.87 -2.43 -4.41
CA HIS A 214 15.53 -1.57 -5.38
C HIS A 214 15.59 -0.13 -4.89
N TYR A 215 14.64 0.28 -4.04
CA TYR A 215 14.49 1.68 -3.64
C TYR A 215 15.11 1.95 -2.27
N GLN A 216 15.70 0.92 -1.61
CA GLN A 216 16.23 1.08 -0.26
C GLN A 216 17.25 2.21 -0.19
N PRO A 217 18.27 2.34 -1.08
CA PRO A 217 19.14 3.52 -1.07
C PRO A 217 18.37 4.84 -1.10
N TRP A 218 17.40 4.99 -2.02
CA TRP A 218 16.58 6.20 -2.07
C TRP A 218 15.81 6.41 -0.75
N ILE A 219 15.15 5.38 -0.20
CA ILE A 219 14.44 5.56 1.06
C ILE A 219 15.37 6.12 2.14
N ASN A 220 16.59 5.57 2.28
CA ASN A 220 17.50 5.96 3.35
C ASN A 220 18.03 7.38 3.15
N GLN A 221 18.14 7.81 1.89
CA GLN A 221 18.51 9.18 1.53
C GLN A 221 17.46 10.18 2.04
N ILE A 222 16.16 9.87 1.86
CA ILE A 222 15.11 10.77 2.27
C ILE A 222 15.04 10.82 3.80
N LEU A 223 15.13 9.66 4.46
CA LEU A 223 15.02 9.55 5.92
C LEU A 223 16.13 10.31 6.64
N GLN A 224 17.37 10.24 6.14
CA GLN A 224 18.49 10.92 6.79
C GLN A 224 18.51 12.42 6.47
N ALA A 225 17.68 12.88 5.53
CA ALA A 225 17.65 14.28 5.15
C ALA A 225 16.45 15.01 5.77
N ASN A 226 15.57 14.30 6.49
CA ASN A 226 14.32 14.85 6.99
C ASN A 226 13.91 14.17 8.32
#